data_4WZN
#
_entry.id   4WZN
#
_cell.length_a   90.420
_cell.length_b   90.420
_cell.length_c   73.430
_cell.angle_alpha   90.00
_cell.angle_beta   90.00
_cell.angle_gamma   90.00
#
_symmetry.space_group_name_H-M   'P 43'
#
loop_
_entity.id
_entity.type
_entity.pdbx_description
1 polymer 'Genome polyprotein'
2 non-polymer GLYCEROL
3 water water
#
_entity_poly.entity_id   1
_entity_poly.type   'polypeptide(L)'
_entity_poly.pdbx_seq_one_letter_code
;SMMSRIAAGDLESSVDDPRSEEDKRFESHIECRKPYKELRLEVGKQRLKYAQEELSNEVLPPPRKMKGLFSQAKISLFYT
EEHEIMKFSWRGVTADTRALRRFGFSLAAGRSVWTLEMDAGVLTGRLIRLNDEKWTEMKDDKIVSLIEKFTSNKYWSKVN
FPHGMLDLEEIAANSKDFPNMSETDLCFLLHWLNPKKINLADRMLGLSGVQEIKEQG
;
_entity_poly.pdbx_strand_id   A,B
#
# COMPACT_ATOMS: atom_id res chain seq x y z
N LYS A 74 -3.44 6.97 -25.61
CA LYS A 74 -4.74 6.35 -25.43
C LYS A 74 -4.61 5.06 -24.60
N ILE A 75 -3.86 4.05 -25.11
CA ILE A 75 -3.63 2.74 -24.47
C ILE A 75 -2.68 2.86 -23.26
N SER A 76 -3.10 2.36 -22.08
CA SER A 76 -2.29 2.40 -20.85
C SER A 76 -2.11 1.02 -20.19
N LEU A 77 -0.85 0.71 -19.78
CA LEU A 77 -0.46 -0.57 -19.18
C LEU A 77 -0.48 -0.49 -17.67
N PHE A 78 -0.76 -1.61 -16.99
CA PHE A 78 -0.88 -1.65 -15.52
C PHE A 78 -0.54 -2.99 -14.89
N TYR A 79 -0.21 -2.97 -13.60
CA TYR A 79 -0.01 -4.18 -12.82
C TYR A 79 -0.69 -4.07 -11.45
N THR A 80 -0.97 -5.21 -10.86
CA THR A 80 -1.58 -5.32 -9.55
C THR A 80 -0.93 -6.50 -8.88
N GLU A 81 -0.78 -6.45 -7.55
CA GLU A 81 -0.16 -7.55 -6.83
C GLU A 81 -1.11 -8.10 -5.77
N GLU A 82 -1.02 -9.41 -5.50
CA GLU A 82 -1.95 -10.07 -4.56
C GLU A 82 -1.42 -11.32 -3.88
N HIS A 83 -1.80 -11.52 -2.62
CA HIS A 83 -1.47 -12.76 -1.88
C HIS A 83 -2.65 -13.69 -2.17
N GLU A 84 -2.41 -14.83 -2.82
CA GLU A 84 -3.48 -15.80 -3.18
C GLU A 84 -3.98 -16.58 -1.93
N ILE A 85 -3.10 -16.75 -0.91
CA ILE A 85 -3.35 -17.42 0.36
C ILE A 85 -2.76 -16.58 1.53
N MET A 86 -3.53 -16.47 2.61
CA MET A 86 -3.21 -15.83 3.88
C MET A 86 -3.69 -16.85 4.89
N LYS A 87 -2.85 -17.16 5.91
CA LYS A 87 -3.17 -18.12 6.99
C LYS A 87 -3.17 -17.37 8.29
N PHE A 88 -4.31 -17.39 8.95
CA PHE A 88 -4.49 -16.66 10.19
C PHE A 88 -4.35 -17.47 11.44
N SER A 89 -3.68 -16.87 12.37
CA SER A 89 -3.45 -17.35 13.74
C SER A 89 -4.01 -16.28 14.70
N TRP A 90 -4.10 -16.57 15.98
CA TRP A 90 -4.59 -15.54 16.86
C TRP A 90 -3.59 -14.37 16.91
N ARG A 91 -4.01 -13.16 16.45
CA ARG A 91 -3.17 -11.95 16.39
C ARG A 91 -1.96 -12.06 15.37
N GLY A 92 -2.00 -13.03 14.45
CA GLY A 92 -0.94 -13.24 13.47
C GLY A 92 -1.41 -13.74 12.11
N VAL A 93 -0.60 -13.47 11.07
CA VAL A 93 -0.86 -13.86 9.67
C VAL A 93 0.43 -14.40 9.04
N THR A 94 0.33 -15.42 8.20
CA THR A 94 1.42 -16.09 7.48
C THR A 94 1.07 -16.11 6.00
N ALA A 95 1.94 -15.56 5.17
CA ALA A 95 1.75 -15.60 3.72
C ALA A 95 2.81 -16.48 3.09
N ASP A 96 2.58 -16.92 1.83
CA ASP A 96 3.54 -17.70 1.03
C ASP A 96 4.74 -16.79 0.68
N THR A 97 5.96 -17.39 0.66
CA THR A 97 7.21 -16.77 0.22
C THR A 97 6.99 -16.09 -1.16
N ARG A 98 6.11 -16.65 -2.01
CA ARG A 98 5.73 -16.13 -3.33
C ARG A 98 4.28 -15.67 -3.47
N ALA A 99 4.09 -14.36 -3.77
CA ALA A 99 2.81 -13.70 -4.07
C ALA A 99 2.63 -13.66 -5.61
N LEU A 100 1.55 -13.03 -6.07
CA LEU A 100 1.29 -12.99 -7.50
C LEU A 100 1.14 -11.59 -8.08
N ARG A 101 1.77 -11.32 -9.22
CA ARG A 101 1.61 -10.08 -9.99
C ARG A 101 0.75 -10.35 -11.22
N ARG A 102 -0.32 -9.55 -11.41
CA ARG A 102 -1.22 -9.62 -12.55
C ARG A 102 -1.09 -8.39 -13.40
N PHE A 103 -1.30 -8.54 -14.73
CA PHE A 103 -1.13 -7.48 -15.75
C PHE A 103 -2.40 -7.18 -16.49
N GLY A 104 -2.60 -5.88 -16.75
CA GLY A 104 -3.80 -5.37 -17.39
C GLY A 104 -3.58 -4.15 -18.25
N PHE A 105 -4.61 -3.80 -19.03
CA PHE A 105 -4.58 -2.68 -19.96
C PHE A 105 -5.91 -1.94 -20.05
N SER A 106 -5.84 -0.63 -20.34
CA SER A 106 -6.97 0.27 -20.51
C SER A 106 -6.92 0.77 -21.94
N LEU A 107 -8.05 0.76 -22.68
CA LEU A 107 -8.07 1.23 -24.08
C LEU A 107 -8.11 2.75 -24.18
N ALA A 108 -8.60 3.42 -23.13
CA ALA A 108 -8.73 4.86 -23.05
C ALA A 108 -8.58 5.27 -21.61
N ALA A 109 -8.18 6.53 -21.36
CA ALA A 109 -8.01 7.10 -20.02
C ALA A 109 -9.37 7.17 -19.29
N GLY A 110 -9.42 6.57 -18.11
CA GLY A 110 -10.64 6.52 -17.30
C GLY A 110 -11.41 5.22 -17.43
N ARG A 111 -11.36 4.59 -18.63
CA ARG A 111 -12.02 3.34 -18.97
C ARG A 111 -11.48 2.14 -18.15
N SER A 112 -12.25 1.03 -18.11
CA SER A 112 -11.93 -0.17 -17.34
C SER A 112 -10.66 -0.93 -17.73
N VAL A 113 -9.94 -1.44 -16.72
CA VAL A 113 -8.71 -2.22 -16.88
C VAL A 113 -9.09 -3.68 -17.21
N TRP A 114 -8.59 -4.18 -18.34
CA TRP A 114 -8.79 -5.53 -18.82
C TRP A 114 -7.66 -6.41 -18.37
N THR A 115 -7.97 -7.65 -17.97
CA THR A 115 -6.99 -8.61 -17.48
C THR A 115 -7.44 -10.04 -17.74
N LEU A 116 -6.50 -11.01 -17.78
CA LEU A 116 -6.83 -12.42 -17.95
C LEU A 116 -7.53 -12.90 -16.66
N GLU A 117 -8.75 -13.43 -16.83
CA GLU A 117 -9.59 -13.92 -15.73
C GLU A 117 -8.99 -15.15 -15.05
N MET A 118 -9.06 -15.16 -13.71
CA MET A 118 -8.65 -16.27 -12.89
C MET A 118 -9.82 -16.70 -12.01
N ASP A 119 -10.08 -18.00 -11.93
CA ASP A 119 -11.15 -18.59 -11.11
C ASP A 119 -10.58 -19.84 -10.51
N ALA A 120 -10.77 -20.04 -9.20
CA ALA A 120 -10.23 -21.18 -8.44
C ALA A 120 -8.69 -21.24 -8.51
N GLY A 121 -8.04 -20.07 -8.66
CA GLY A 121 -6.60 -19.91 -8.75
C GLY A 121 -5.99 -20.23 -10.09
N VAL A 122 -6.82 -20.59 -11.08
CA VAL A 122 -6.34 -20.91 -12.42
C VAL A 122 -6.83 -19.94 -13.48
N LEU A 123 -6.10 -19.88 -14.61
CA LEU A 123 -6.48 -19.04 -15.73
C LEU A 123 -7.63 -19.72 -16.48
N THR A 124 -8.77 -19.02 -16.63
CA THR A 124 -9.96 -19.56 -17.31
C THR A 124 -9.81 -19.55 -18.82
N GLY A 125 -9.01 -18.63 -19.34
CA GLY A 125 -8.79 -18.47 -20.78
C GLY A 125 -9.49 -17.25 -21.32
N ARG A 126 -10.29 -16.60 -20.45
CA ARG A 126 -11.06 -15.39 -20.77
C ARG A 126 -10.41 -14.12 -20.24
N LEU A 127 -10.86 -12.99 -20.78
CA LEU A 127 -10.42 -11.63 -20.51
C LEU A 127 -11.57 -10.91 -19.82
N ILE A 128 -11.32 -10.26 -18.68
CA ILE A 128 -12.35 -9.53 -17.92
C ILE A 128 -11.90 -8.15 -17.47
N ARG A 129 -12.87 -7.32 -17.08
CA ARG A 129 -12.65 -6.00 -16.51
C ARG A 129 -12.52 -6.25 -15.01
N LEU A 130 -11.48 -5.69 -14.37
CA LEU A 130 -11.24 -5.89 -12.94
C LEU A 130 -10.82 -4.56 -12.34
N ASN A 131 -11.81 -3.72 -11.98
CA ASN A 131 -11.60 -2.36 -11.47
C ASN A 131 -11.46 -2.20 -9.96
N ASP A 132 -12.06 -3.14 -9.21
CA ASP A 132 -12.06 -3.22 -7.74
C ASP A 132 -10.63 -3.37 -7.12
N GLU A 133 -9.60 -3.57 -7.98
CA GLU A 133 -8.20 -3.74 -7.62
C GLU A 133 -7.42 -2.43 -7.79
N LYS A 134 -6.31 -2.28 -7.03
CA LYS A 134 -5.42 -1.11 -7.15
C LYS A 134 -4.36 -1.40 -8.23
N TRP A 135 -4.46 -0.70 -9.38
CA TRP A 135 -3.56 -0.87 -10.53
C TRP A 135 -2.54 0.25 -10.63
N THR A 136 -1.27 -0.10 -10.91
CA THR A 136 -0.21 0.90 -11.11
C THR A 136 0.29 0.92 -12.53
N GLU A 137 0.32 2.11 -13.15
CA GLU A 137 0.77 2.35 -14.52
C GLU A 137 2.23 1.93 -14.69
N MET A 138 2.53 1.39 -15.86
CA MET A 138 3.86 0.94 -16.26
C MET A 138 4.04 1.28 -17.72
N LYS A 139 5.28 1.45 -18.17
CA LYS A 139 5.53 1.76 -19.57
C LYS A 139 6.21 0.61 -20.29
N ASP A 140 5.72 0.29 -21.51
CA ASP A 140 6.25 -0.73 -22.42
C ASP A 140 5.74 -0.43 -23.82
N ASP A 141 6.55 0.29 -24.61
CA ASP A 141 6.19 0.68 -25.97
C ASP A 141 5.89 -0.51 -26.90
N LYS A 142 6.58 -1.68 -26.70
CA LYS A 142 6.37 -2.88 -27.52
C LYS A 142 5.00 -3.48 -27.24
N ILE A 143 4.61 -3.57 -25.96
CA ILE A 143 3.32 -4.11 -25.54
C ILE A 143 2.16 -3.25 -26.04
N VAL A 144 2.28 -1.90 -25.99
CA VAL A 144 1.22 -1.00 -26.46
C VAL A 144 0.94 -1.23 -27.95
N SER A 145 2.01 -1.47 -28.74
CA SER A 145 1.93 -1.78 -30.17
C SER A 145 1.18 -3.11 -30.38
N LEU A 146 1.44 -4.11 -29.52
CA LEU A 146 0.78 -5.42 -29.60
C LEU A 146 -0.68 -5.38 -29.16
N ILE A 147 -1.01 -4.60 -28.11
CA ILE A 147 -2.39 -4.40 -27.62
C ILE A 147 -3.21 -3.69 -28.73
N GLU A 148 -2.59 -2.69 -29.42
CA GLU A 148 -3.20 -1.94 -30.53
C GLU A 148 -3.67 -2.93 -31.60
N LYS A 149 -2.78 -3.85 -32.05
CA LYS A 149 -3.11 -4.90 -33.03
C LYS A 149 -4.20 -5.84 -32.50
N PHE A 150 -4.02 -6.37 -31.27
CA PHE A 150 -4.94 -7.29 -30.59
C PHE A 150 -6.37 -6.76 -30.52
N THR A 151 -6.53 -5.52 -30.02
CA THR A 151 -7.83 -4.86 -29.82
C THR A 151 -8.46 -4.26 -31.08
N SER A 152 -7.76 -4.33 -32.24
CA SER A 152 -8.34 -3.83 -33.49
C SER A 152 -9.06 -4.96 -34.23
N ASN A 153 -9.23 -6.11 -33.55
CA ASN A 153 -9.99 -7.26 -34.03
C ASN A 153 -11.36 -7.23 -33.34
N LYS A 154 -12.42 -7.55 -34.09
CA LYS A 154 -13.76 -7.62 -33.54
C LYS A 154 -13.82 -8.87 -32.63
N TYR A 155 -14.52 -8.77 -31.49
CA TYR A 155 -14.71 -9.86 -30.51
C TYR A 155 -13.43 -10.31 -29.77
N TRP A 156 -12.45 -9.38 -29.57
CA TRP A 156 -11.22 -9.70 -28.81
C TRP A 156 -11.53 -9.96 -27.34
N SER A 157 -12.53 -9.24 -26.79
CA SER A 157 -13.01 -9.33 -25.41
C SER A 157 -13.71 -10.68 -25.16
N LYS A 158 -14.32 -11.22 -26.25
CA LYS A 158 -15.03 -12.50 -26.26
C LYS A 158 -14.09 -13.72 -26.40
N VAL A 159 -12.76 -13.49 -26.45
CA VAL A 159 -11.75 -14.56 -26.56
C VAL A 159 -11.86 -15.57 -25.41
N ASN A 160 -11.73 -16.85 -25.75
CA ASN A 160 -11.79 -17.96 -24.82
C ASN A 160 -10.68 -18.95 -25.14
N PHE A 161 -9.47 -18.66 -24.62
CA PHE A 161 -8.28 -19.50 -24.77
C PHE A 161 -8.46 -20.83 -24.00
N PRO A 162 -7.66 -21.89 -24.30
CA PRO A 162 -7.82 -23.15 -23.56
C PRO A 162 -7.68 -22.98 -22.05
N HIS A 163 -8.61 -23.59 -21.30
CA HIS A 163 -8.64 -23.53 -19.85
C HIS A 163 -7.26 -23.85 -19.22
N GLY A 164 -6.86 -23.04 -18.25
CA GLY A 164 -5.57 -23.21 -17.58
C GLY A 164 -4.46 -22.46 -18.25
N MET A 165 -4.54 -22.31 -19.60
CA MET A 165 -3.55 -21.63 -20.46
C MET A 165 -2.11 -22.11 -20.17
N LEU A 166 -1.93 -23.44 -20.16
CA LEU A 166 -0.66 -24.10 -19.84
C LEU A 166 0.39 -24.05 -20.95
N ASP A 167 -0.02 -24.17 -22.23
CA ASP A 167 0.92 -24.11 -23.35
C ASP A 167 0.72 -22.84 -24.18
N LEU A 168 1.35 -21.74 -23.74
CA LEU A 168 1.30 -20.42 -24.38
C LEU A 168 1.82 -20.39 -25.83
N GLU A 169 2.82 -21.23 -26.15
CA GLU A 169 3.41 -21.34 -27.49
C GLU A 169 2.46 -21.99 -28.48
N GLU A 170 1.73 -23.03 -28.03
CA GLU A 170 0.75 -23.78 -28.80
C GLU A 170 -0.52 -22.94 -29.01
N ILE A 171 -0.94 -22.21 -27.95
CA ILE A 171 -2.11 -21.32 -28.01
C ILE A 171 -1.94 -20.32 -29.16
N ALA A 172 -0.77 -19.62 -29.19
CA ALA A 172 -0.40 -18.64 -30.20
C ALA A 172 -0.27 -19.24 -31.62
N ALA A 173 0.33 -20.43 -31.71
CA ALA A 173 0.50 -21.18 -32.95
C ALA A 173 -0.83 -21.62 -33.60
N ASN A 174 -1.81 -22.07 -32.78
CA ASN A 174 -3.10 -22.55 -33.29
C ASN A 174 -4.21 -21.49 -33.38
N SER A 175 -3.98 -20.29 -32.81
CA SER A 175 -4.96 -19.19 -32.82
C SER A 175 -5.18 -18.65 -34.22
N LYS A 176 -6.46 -18.55 -34.63
CA LYS A 176 -6.87 -18.01 -35.92
C LYS A 176 -7.75 -16.75 -35.74
N ASP A 177 -7.85 -16.28 -34.49
CA ASP A 177 -8.68 -15.14 -34.10
C ASP A 177 -8.03 -13.76 -34.29
N PHE A 178 -6.69 -13.71 -34.36
CA PHE A 178 -5.95 -12.45 -34.53
C PHE A 178 -5.07 -12.54 -35.76
N PRO A 179 -5.68 -12.35 -36.96
CA PRO A 179 -4.91 -12.49 -38.19
C PRO A 179 -3.97 -11.32 -38.47
N ASN A 180 -4.12 -10.21 -37.74
CA ASN A 180 -3.24 -9.04 -37.92
C ASN A 180 -2.00 -9.15 -37.04
N MET A 181 -1.91 -10.25 -36.27
CA MET A 181 -0.83 -10.54 -35.35
C MET A 181 -0.07 -11.78 -35.77
N SER A 182 1.27 -11.70 -35.74
CA SER A 182 2.10 -12.85 -36.06
C SER A 182 2.11 -13.83 -34.87
N GLU A 183 2.56 -15.08 -35.07
CA GLU A 183 2.62 -16.06 -33.98
C GLU A 183 3.58 -15.61 -32.89
N THR A 184 4.79 -15.15 -33.26
CA THR A 184 5.78 -14.66 -32.28
C THR A 184 5.29 -13.48 -31.46
N ASP A 185 4.47 -12.60 -32.07
CA ASP A 185 3.89 -11.42 -31.45
C ASP A 185 2.74 -11.73 -30.50
N LEU A 186 1.82 -12.65 -30.90
CA LEU A 186 0.71 -13.06 -30.04
C LEU A 186 1.31 -13.75 -28.81
N CYS A 187 2.33 -14.59 -29.03
CA CYS A 187 3.02 -15.32 -27.97
C CYS A 187 3.72 -14.37 -26.98
N PHE A 188 4.35 -13.33 -27.50
CA PHE A 188 5.01 -12.30 -26.71
C PHE A 188 3.98 -11.60 -25.79
N LEU A 189 2.82 -11.22 -26.33
CA LEU A 189 1.72 -10.58 -25.60
C LEU A 189 1.11 -11.51 -24.54
N LEU A 190 0.88 -12.79 -24.89
CA LEU A 190 0.35 -13.79 -23.98
C LEU A 190 1.27 -14.01 -22.80
N HIS A 191 2.60 -13.93 -23.04
CA HIS A 191 3.63 -14.03 -22.02
C HIS A 191 3.61 -12.83 -21.10
N TRP A 192 3.30 -11.63 -21.62
CA TRP A 192 3.18 -10.41 -20.80
C TRP A 192 1.89 -10.43 -19.96
N LEU A 193 0.76 -10.90 -20.53
CA LEU A 193 -0.51 -10.94 -19.80
C LEU A 193 -0.56 -11.99 -18.71
N ASN A 194 0.29 -13.00 -18.84
CA ASN A 194 0.40 -14.12 -17.92
C ASN A 194 0.77 -13.68 -16.49
N PRO A 195 -0.01 -14.09 -15.45
CA PRO A 195 0.37 -13.76 -14.08
C PRO A 195 1.74 -14.33 -13.73
N LYS A 196 2.53 -13.56 -12.99
CA LYS A 196 3.88 -13.94 -12.61
C LYS A 196 4.05 -13.95 -11.10
N LYS A 197 4.76 -14.97 -10.53
CA LYS A 197 5.00 -15.07 -9.08
C LYS A 197 6.02 -14.03 -8.62
N ILE A 198 5.87 -13.51 -7.39
CA ILE A 198 6.74 -12.52 -6.73
C ILE A 198 7.41 -13.21 -5.51
N ASN A 199 8.75 -13.18 -5.40
CA ASN A 199 9.41 -13.69 -4.19
C ASN A 199 9.46 -12.54 -3.16
N LEU A 200 8.66 -12.65 -2.12
CA LEU A 200 8.57 -11.64 -1.06
C LEU A 200 9.86 -11.42 -0.28
N ALA A 201 10.65 -12.48 -0.04
CA ALA A 201 11.94 -12.32 0.64
C ALA A 201 12.87 -11.45 -0.20
N ASP A 202 12.99 -11.71 -1.52
CA ASP A 202 13.77 -10.87 -2.43
C ASP A 202 13.18 -9.44 -2.48
N ARG A 203 11.85 -9.35 -2.42
CA ARG A 203 11.11 -8.10 -2.47
C ARG A 203 11.45 -7.20 -1.27
N MET A 204 11.44 -7.79 -0.08
CA MET A 204 11.70 -7.10 1.17
C MET A 204 13.12 -6.75 1.39
N LEU A 205 14.01 -7.30 0.56
CA LEU A 205 15.43 -7.04 0.62
C LEU A 205 15.80 -5.90 -0.29
N GLY A 206 14.84 -5.46 -1.08
CA GLY A 206 14.99 -4.32 -1.96
C GLY A 206 14.79 -4.57 -3.44
N LEU A 207 14.72 -5.85 -3.83
CA LEU A 207 14.58 -6.28 -5.24
C LEU A 207 13.10 -6.53 -5.59
N SER A 208 12.79 -6.79 -6.86
CA SER A 208 11.43 -7.20 -7.26
C SER A 208 11.55 -8.72 -7.53
N GLY A 209 10.91 -9.53 -6.68
CA GLY A 209 10.98 -10.98 -6.82
C GLY A 209 10.14 -11.51 -7.96
N VAL A 210 9.92 -10.67 -9.01
CA VAL A 210 9.08 -10.81 -10.22
C VAL A 210 9.11 -12.13 -11.03
N GLN A 211 10.20 -12.95 -10.89
CA GLN A 211 10.37 -14.27 -11.54
C GLN A 211 10.07 -14.31 -13.05
N SER B 71 19.37 31.84 17.62
CA SER B 71 18.10 31.58 16.97
C SER B 71 17.30 30.55 17.80
N GLN B 72 15.99 30.43 17.56
CA GLN B 72 15.13 29.48 18.27
C GLN B 72 15.42 28.00 17.94
N ALA B 73 15.20 27.12 18.95
CA ALA B 73 15.46 25.68 18.88
C ALA B 73 14.53 24.93 17.91
N LYS B 74 15.14 24.02 17.14
CA LYS B 74 14.46 23.25 16.11
C LYS B 74 13.69 22.02 16.56
N ILE B 75 12.43 21.95 16.13
CA ILE B 75 11.55 20.84 16.38
C ILE B 75 11.90 19.75 15.41
N SER B 76 11.98 18.53 15.95
CA SER B 76 12.32 17.33 15.22
C SER B 76 11.09 16.41 15.21
N LEU B 77 10.84 15.78 14.06
CA LEU B 77 9.75 14.85 13.88
C LEU B 77 10.27 13.42 13.88
N PHE B 78 9.43 12.45 14.32
CA PHE B 78 9.83 11.05 14.44
C PHE B 78 8.71 10.06 14.32
N TYR B 79 9.05 8.80 13.99
CA TYR B 79 8.09 7.72 13.98
C TYR B 79 8.69 6.47 14.65
N THR B 80 7.83 5.59 15.12
CA THR B 80 8.22 4.34 15.74
C THR B 80 7.19 3.33 15.30
N GLU B 81 7.59 2.07 15.18
CA GLU B 81 6.66 1.04 14.79
C GLU B 81 6.58 -0.04 15.85
N GLU B 82 5.39 -0.57 16.09
CA GLU B 82 5.25 -1.62 17.11
C GLU B 82 4.58 -2.79 16.48
N HIS B 83 5.03 -4.02 16.78
CA HIS B 83 4.48 -5.27 16.31
C HIS B 83 4.59 -5.44 14.81
N GLU B 84 5.58 -4.76 14.21
CA GLU B 84 5.79 -4.67 12.76
C GLU B 84 6.78 -5.69 12.13
N ILE B 85 7.42 -6.53 12.96
CA ILE B 85 8.39 -7.52 12.47
C ILE B 85 7.71 -8.65 11.74
N MET B 86 8.29 -8.95 10.58
CA MET B 86 7.88 -10.01 9.70
C MET B 86 8.98 -11.00 9.65
N LYS B 87 8.67 -12.19 10.14
CA LYS B 87 9.63 -13.27 10.22
C LYS B 87 9.54 -14.16 8.97
N PHE B 88 10.70 -14.37 8.33
CA PHE B 88 10.83 -15.25 7.18
CA PHE B 88 10.80 -15.26 7.17
C PHE B 88 11.49 -16.55 7.58
N SER B 89 10.77 -17.64 7.45
CA SER B 89 11.23 -18.96 7.78
C SER B 89 10.69 -19.89 6.71
N TRP B 90 10.83 -21.19 6.96
CA TRP B 90 10.32 -22.24 6.09
C TRP B 90 8.79 -22.17 6.01
N ARG B 91 8.14 -21.57 7.05
CA ARG B 91 6.69 -21.43 7.17
C ARG B 91 6.14 -20.41 6.19
N GLY B 92 7.01 -19.55 5.72
CA GLY B 92 6.66 -18.44 4.84
C GLY B 92 6.93 -17.14 5.56
N VAL B 93 6.01 -16.17 5.44
CA VAL B 93 6.21 -14.86 6.10
C VAL B 93 5.18 -14.68 7.14
N THR B 94 5.59 -14.61 8.41
CA THR B 94 4.66 -14.36 9.51
C THR B 94 4.78 -12.95 9.98
N ALA B 95 3.67 -12.31 10.14
CA ALA B 95 3.54 -10.99 10.71
C ALA B 95 2.44 -11.04 11.81
N ASP B 96 2.34 -9.97 12.58
CA ASP B 96 1.44 -9.69 13.68
C ASP B 96 0.43 -8.64 13.22
N THR B 97 -0.84 -8.94 13.36
CA THR B 97 -1.95 -8.08 12.94
C THR B 97 -2.16 -6.82 13.77
N ARG B 98 -1.28 -6.56 14.75
CA ARG B 98 -1.30 -5.37 15.62
C ARG B 98 -0.24 -4.38 15.19
N ALA B 99 0.46 -4.67 14.07
CA ALA B 99 1.50 -3.83 13.51
C ALA B 99 0.92 -2.43 13.39
N LEU B 100 1.65 -1.46 13.92
CA LEU B 100 1.21 -0.07 14.01
C LEU B 100 2.37 0.92 13.98
N ARG B 101 2.12 2.10 13.42
CA ARG B 101 3.07 3.21 13.38
C ARG B 101 2.59 4.37 14.26
N ARG B 102 3.47 4.84 15.15
CA ARG B 102 3.22 5.96 16.07
C ARG B 102 4.11 7.12 15.72
N PHE B 103 3.63 8.35 15.97
CA PHE B 103 4.30 9.62 15.64
C PHE B 103 4.57 10.46 16.84
N GLY B 104 5.74 11.09 16.84
CA GLY B 104 6.22 11.91 17.93
C GLY B 104 7.10 13.07 17.52
N PHE B 105 7.34 13.96 18.49
CA PHE B 105 8.14 15.17 18.28
C PHE B 105 9.01 15.53 19.48
N SER B 106 10.16 16.17 19.21
CA SER B 106 11.15 16.63 20.19
C SER B 106 11.20 18.14 20.07
N LEU B 107 11.15 18.89 21.19
CA LEU B 107 11.20 20.36 21.13
C LEU B 107 12.61 20.90 20.92
N ALA B 108 13.60 20.10 21.31
CA ALA B 108 15.02 20.45 21.22
C ALA B 108 15.81 19.19 21.03
N ALA B 109 17.01 19.33 20.45
CA ALA B 109 17.93 18.20 20.20
C ALA B 109 18.39 17.58 21.53
N GLY B 110 18.17 16.27 21.65
CA GLY B 110 18.53 15.51 22.84
C GLY B 110 17.37 15.30 23.80
N ARG B 111 16.44 16.26 23.85
CA ARG B 111 15.24 16.23 24.70
C ARG B 111 14.27 15.08 24.33
N SER B 112 13.35 14.75 25.26
CA SER B 112 12.38 13.66 25.13
C SER B 112 11.35 13.78 24.01
N VAL B 113 11.05 12.63 23.37
CA VAL B 113 10.09 12.53 22.29
C VAL B 113 8.67 12.43 22.89
N TRP B 114 7.80 13.35 22.47
CA TRP B 114 6.40 13.44 22.90
C TRP B 114 5.54 12.70 21.91
N THR B 115 4.51 12.00 22.42
CA THR B 115 3.59 11.21 21.61
C THR B 115 2.23 11.10 22.28
N LEU B 116 1.16 10.85 21.51
CA LEU B 116 -0.18 10.61 22.06
C LEU B 116 -0.16 9.27 22.82
N GLU B 117 -0.53 9.32 24.11
CA GLU B 117 -0.56 8.16 25.01
C GLU B 117 -1.61 7.14 24.60
N MET B 118 -1.23 5.86 24.64
CA MET B 118 -2.11 4.75 24.36
C MET B 118 -2.09 3.80 25.54
N ASP B 119 -3.27 3.31 25.92
CA ASP B 119 -3.46 2.38 27.02
C ASP B 119 -4.49 1.38 26.56
N ALA B 120 -4.15 0.07 26.65
CA ALA B 120 -4.98 -1.07 26.22
C ALA B 120 -5.30 -0.99 24.71
N GLY B 121 -4.38 -0.40 23.94
CA GLY B 121 -4.50 -0.24 22.49
C GLY B 121 -5.39 0.90 22.03
N VAL B 122 -5.91 1.70 22.98
CA VAL B 122 -6.81 2.84 22.74
C VAL B 122 -6.16 4.16 23.18
N LEU B 123 -6.42 5.27 22.45
CA LEU B 123 -5.90 6.59 22.76
C LEU B 123 -6.57 7.16 24.01
N THR B 124 -5.77 7.53 25.02
CA THR B 124 -6.27 8.06 26.28
C THR B 124 -6.73 9.53 26.17
N GLY B 125 -6.13 10.26 25.24
CA GLY B 125 -6.43 11.68 25.02
C GLY B 125 -5.31 12.56 25.53
N ARG B 126 -4.34 11.96 26.21
CA ARG B 126 -3.16 12.62 26.77
C ARG B 126 -1.90 12.46 25.89
N LEU B 127 -0.91 13.31 26.17
CA LEU B 127 0.37 13.41 25.50
C LEU B 127 1.44 13.01 26.53
N ILE B 128 2.35 12.08 26.16
CA ILE B 128 3.41 11.60 27.05
C ILE B 128 4.77 11.54 26.38
N ARG B 129 5.82 11.43 27.21
CA ARG B 129 7.19 11.25 26.78
C ARG B 129 7.37 9.75 26.68
N LEU B 130 7.92 9.25 25.56
CA LEU B 130 8.11 7.82 25.35
C LEU B 130 9.49 7.60 24.72
N ASN B 131 10.54 7.55 25.56
CA ASN B 131 11.94 7.44 25.15
C ASN B 131 12.51 6.04 25.00
N ASP B 132 11.94 5.08 25.75
CA ASP B 132 12.30 3.66 25.76
C ASP B 132 12.14 2.96 24.37
N GLU B 133 11.54 3.68 23.38
CA GLU B 133 11.28 3.23 22.01
C GLU B 133 12.35 3.73 21.04
N LYS B 134 12.56 3.02 19.92
CA LYS B 134 13.49 3.44 18.88
C LYS B 134 12.72 4.32 17.86
N TRP B 135 13.06 5.62 17.84
CA TRP B 135 12.41 6.63 16.98
C TRP B 135 13.28 7.00 15.78
N THR B 136 12.67 7.11 14.59
CA THR B 136 13.41 7.52 13.38
C THR B 136 12.94 8.86 12.88
N GLU B 137 13.92 9.79 12.67
CA GLU B 137 13.68 11.15 12.18
C GLU B 137 13.00 11.12 10.82
N MET B 138 12.12 12.09 10.60
CA MET B 138 11.39 12.29 9.36
C MET B 138 11.25 13.77 9.15
N LYS B 139 11.10 14.21 7.91
CA LYS B 139 10.95 15.63 7.62
C LYS B 139 9.56 15.96 7.10
N ASP B 140 8.97 17.03 7.66
CA ASP B 140 7.66 17.61 7.29
C ASP B 140 7.62 19.06 7.77
N ASP B 141 7.98 19.98 6.86
CA ASP B 141 8.00 21.40 7.18
C ASP B 141 6.65 21.97 7.63
N LYS B 142 5.51 21.42 7.14
CA LYS B 142 4.17 21.87 7.54
C LYS B 142 3.87 21.49 8.99
N ILE B 143 4.20 20.26 9.37
CA ILE B 143 4.00 19.76 10.74
C ILE B 143 4.86 20.53 11.76
N VAL B 144 6.13 20.86 11.43
CA VAL B 144 7.02 21.61 12.33
C VAL B 144 6.40 22.98 12.64
N SER B 145 5.79 23.63 11.61
CA SER B 145 5.10 24.91 11.75
C SER B 145 3.91 24.77 12.71
N LEU B 146 3.17 23.65 12.62
CA LEU B 146 2.00 23.39 13.47
C LEU B 146 2.38 23.04 14.90
N ILE B 147 3.47 22.26 15.10
CA ILE B 147 4.01 21.91 16.43
C ILE B 147 4.52 23.22 17.13
N GLU B 148 5.16 24.13 16.36
CA GLU B 148 5.65 25.43 16.85
C GLU B 148 4.49 26.19 17.48
N LYS B 149 3.34 26.31 16.77
CA LYS B 149 2.13 26.98 17.25
C LYS B 149 1.56 26.26 18.47
N PHE B 150 1.37 24.92 18.37
CA PHE B 150 0.83 24.05 19.42
C PHE B 150 1.57 24.19 20.76
N THR B 151 2.90 24.06 20.71
CA THR B 151 3.78 24.10 21.89
C THR B 151 4.09 25.51 22.42
N SER B 152 3.59 26.57 21.76
CA SER B 152 3.81 27.93 22.26
C SER B 152 2.64 28.35 23.15
N ASN B 153 1.78 27.38 23.50
CA ASN B 153 0.66 27.56 24.43
C ASN B 153 1.10 26.98 25.77
N LYS B 154 0.76 27.65 26.88
CA LYS B 154 1.09 27.14 28.21
C LYS B 154 0.15 25.94 28.47
N TYR B 155 0.66 24.88 29.14
CA TYR B 155 -0.09 23.67 29.49
C TYR B 155 -0.50 22.77 28.30
N TRP B 156 0.27 22.78 27.18
CA TRP B 156 0.00 21.93 26.01
C TRP B 156 0.21 20.47 26.35
N SER B 157 1.20 20.18 27.23
CA SER B 157 1.57 18.85 27.71
C SER B 157 0.48 18.27 28.62
N LYS B 158 -0.26 19.18 29.30
CA LYS B 158 -1.36 18.88 30.21
C LYS B 158 -2.70 18.65 29.48
N VAL B 159 -2.71 18.70 28.12
CA VAL B 159 -3.90 18.46 27.31
C VAL B 159 -4.52 17.07 27.58
N ASN B 160 -5.85 17.05 27.67
CA ASN B 160 -6.62 15.82 27.90
C ASN B 160 -7.83 15.82 26.97
N PHE B 161 -7.59 15.34 25.73
CA PHE B 161 -8.60 15.20 24.68
C PHE B 161 -9.61 14.10 25.08
N PRO B 162 -10.82 14.06 24.46
CA PRO B 162 -11.79 13.00 24.81
C PRO B 162 -11.22 11.60 24.65
N HIS B 163 -11.44 10.74 25.66
CA HIS B 163 -10.95 9.36 25.66
C HIS B 163 -11.31 8.62 24.35
N GLY B 164 -10.33 7.91 23.81
CA GLY B 164 -10.50 7.17 22.57
C GLY B 164 -10.15 7.98 21.34
N MET B 165 -10.39 9.32 21.41
CA MET B 165 -10.13 10.29 20.34
C MET B 165 -10.71 9.84 19.00
N LEU B 166 -12.00 9.43 19.01
CA LEU B 166 -12.71 8.88 17.85
C LEU B 166 -13.14 9.92 16.82
N ASP B 167 -13.55 11.14 17.25
CA ASP B 167 -13.95 12.22 16.32
C ASP B 167 -12.95 13.37 16.32
N LEU B 168 -11.88 13.21 15.52
CA LEU B 168 -10.79 14.19 15.37
C LEU B 168 -11.25 15.56 14.86
N GLU B 169 -12.29 15.59 13.99
CA GLU B 169 -12.86 16.83 13.42
C GLU B 169 -13.61 17.64 14.46
N GLU B 170 -14.36 16.96 15.35
CA GLU B 170 -15.13 17.54 16.44
C GLU B 170 -14.19 18.03 17.56
N ILE B 171 -13.14 17.24 17.86
CA ILE B 171 -12.14 17.59 18.88
C ILE B 171 -11.53 18.95 18.54
N ALA B 172 -11.06 19.11 17.27
CA ALA B 172 -10.47 20.35 16.75
C ALA B 172 -11.45 21.53 16.73
N ALA B 173 -12.71 21.28 16.32
CA ALA B 173 -13.78 22.26 16.26
C ALA B 173 -14.18 22.81 17.64
N ASN B 174 -14.24 21.95 18.67
CA ASN B 174 -14.65 22.35 20.02
C ASN B 174 -13.52 22.78 20.95
N SER B 175 -12.25 22.51 20.57
CA SER B 175 -11.08 22.86 21.38
C SER B 175 -10.91 24.37 21.52
N LYS B 176 -10.75 24.84 22.77
CA LYS B 176 -10.52 26.26 23.09
C LYS B 176 -9.15 26.48 23.73
N ASP B 177 -8.33 25.41 23.76
CA ASP B 177 -7.01 25.39 24.39
C ASP B 177 -5.88 25.92 23.52
N PHE B 178 -6.05 25.95 22.19
CA PHE B 178 -5.01 26.42 21.26
C PHE B 178 -5.56 27.56 20.41
N PRO B 179 -5.62 28.79 20.99
CA PRO B 179 -6.20 29.91 20.25
C PRO B 179 -5.32 30.47 19.14
N ASN B 180 -4.04 30.08 19.11
CA ASN B 180 -3.12 30.54 18.07
C ASN B 180 -3.16 29.62 16.85
N MET B 181 -3.99 28.56 16.93
CA MET B 181 -4.19 27.56 15.90
C MET B 181 -5.60 27.59 15.34
N SER B 182 -5.70 27.50 14.02
CA SER B 182 -7.01 27.47 13.35
C SER B 182 -7.60 26.06 13.49
N GLU B 183 -8.90 25.89 13.24
CA GLU B 183 -9.55 24.58 13.35
C GLU B 183 -8.95 23.60 12.34
N THR B 184 -8.81 24.03 11.05
CA THR B 184 -8.23 23.19 10.00
C THR B 184 -6.80 22.73 10.29
N ASP B 185 -6.01 23.60 10.97
CA ASP B 185 -4.63 23.36 11.36
C ASP B 185 -4.49 22.41 12.55
N LEU B 186 -5.30 22.56 13.62
CA LEU B 186 -5.26 21.63 14.75
C LEU B 186 -5.71 20.28 14.26
N CYS B 187 -6.73 20.23 13.39
CA CYS B 187 -7.21 18.98 12.83
C CYS B 187 -6.15 18.25 11.99
N PHE B 188 -5.41 19.01 11.18
CA PHE B 188 -4.31 18.50 10.37
C PHE B 188 -3.23 17.85 11.25
N LEU B 189 -2.84 18.53 12.35
CA LEU B 189 -1.87 18.05 13.33
C LEU B 189 -2.36 16.81 14.08
N LEU B 190 -3.65 16.81 14.51
CA LEU B 190 -4.25 15.68 15.21
C LEU B 190 -4.27 14.45 14.32
N HIS B 191 -4.46 14.64 13.00
CA HIS B 191 -4.43 13.57 12.01
C HIS B 191 -3.02 13.02 11.83
N TRP B 192 -1.97 13.87 11.94
CA TRP B 192 -0.57 13.43 11.86
C TRP B 192 -0.16 12.69 13.13
N LEU B 193 -0.59 13.16 14.31
CA LEU B 193 -0.23 12.50 15.59
C LEU B 193 -0.89 11.18 15.82
N ASN B 194 -2.03 10.98 15.15
CA ASN B 194 -2.84 9.78 15.22
C ASN B 194 -2.07 8.52 14.80
N PRO B 195 -2.05 7.46 15.64
CA PRO B 195 -1.39 6.21 15.24
C PRO B 195 -2.07 5.61 13.99
N LYS B 196 -1.25 5.07 13.10
CA LYS B 196 -1.72 4.53 11.84
C LYS B 196 -1.37 3.07 11.72
N LYS B 197 -2.38 2.23 11.39
CA LYS B 197 -2.18 0.80 11.24
C LYS B 197 -1.34 0.50 10.04
N ILE B 198 -0.52 -0.56 10.14
CA ILE B 198 0.30 -1.02 9.05
C ILE B 198 -0.50 -2.09 8.27
N ASN B 199 -0.71 -1.88 6.96
CA ASN B 199 -1.36 -2.84 6.08
C ASN B 199 -0.33 -3.92 5.81
N LEU B 200 -0.55 -5.09 6.41
CA LEU B 200 0.40 -6.21 6.29
C LEU B 200 0.53 -6.79 4.87
N ALA B 201 -0.55 -6.79 4.07
CA ALA B 201 -0.49 -7.28 2.69
C ALA B 201 0.40 -6.34 1.88
N ASP B 202 0.39 -5.02 2.15
CA ASP B 202 1.27 -4.07 1.47
C ASP B 202 2.70 -4.15 1.99
N ARG B 203 2.86 -4.28 3.30
CA ARG B 203 4.18 -4.37 3.91
C ARG B 203 4.94 -5.63 3.47
N MET B 204 4.26 -6.72 3.17
CA MET B 204 4.87 -7.96 2.66
C MET B 204 5.32 -7.74 1.20
N LEU B 205 4.73 -6.75 0.52
CA LEU B 205 5.03 -6.35 -0.86
C LEU B 205 6.04 -5.17 -0.86
N GLY B 206 6.66 -4.94 0.32
CA GLY B 206 7.67 -3.93 0.59
C GLY B 206 7.20 -2.48 0.54
N LEU B 207 5.90 -2.26 0.80
CA LEU B 207 5.33 -0.90 0.82
C LEU B 207 5.19 -0.47 2.31
N SER B 208 5.18 0.85 2.62
CA SER B 208 5.05 1.23 4.04
C SER B 208 3.78 0.67 4.66
N GLY B 209 2.72 0.57 3.85
CA GLY B 209 1.43 0.07 4.28
C GLY B 209 0.77 1.01 5.27
N VAL B 210 1.33 2.22 5.49
CA VAL B 210 0.80 3.24 6.40
C VAL B 210 -0.15 4.17 5.72
N GLN B 211 -1.37 4.20 6.29
CA GLN B 211 -2.53 5.06 6.03
C GLN B 211 -3.58 4.78 7.11
N GLU B 212 -4.21 5.90 7.62
CA GLU B 212 -5.23 6.05 8.68
C GLU B 212 -5.87 4.75 9.22
#